data_2ZI8
#
_entry.id   2ZI8
#
_cell.length_a   124.318
_cell.length_b   124.318
_cell.length_c   106.383
_cell.angle_alpha   90.00
_cell.angle_beta   90.00
_cell.angle_gamma   90.00
#
_symmetry.space_group_name_H-M   'P 4 21 2'
#
loop_
_entity.id
_entity.type
_entity.pdbx_description
1 polymer 'PROBABLE BIPHENYL-2,3-DIOL 1,2-DIOXYGENASE BPHC'
2 non-polymer 'FE (II) ION'
3 non-polymer 3,4-dihydroxy-9,10-secoandrosta-1(10),2,4-triene-9,17-dione
4 water water
#
_entity_poly.entity_id   1
_entity_poly.type   'polypeptide(L)'
_entity_poly.pdbx_seq_one_letter_code
;MSIRSLGYLRIEATDMAAWREYGLKVLGMVEGKGAPEGALYLRMDDFPARLVVVPGEHDRLLEAGWECANAEGLQEIRNR
LDLEGTPYKEATAAELADRRVDEMIRFADPSGNCLEVFHGTALEHRRVVSPYGHRFVTGEQGMGHVVLSTRDDAEALHFY
RDVLGFRLRDSMRLPPQMVGRPADGPPAWLRFFGCNPRHHSLAFLPMPTSSGIVHLMVEVEQADDVGLCLDRALRRKVPM
SATLGRHVNDLMLSFYMKTPGGFDIEFGCEGRQVDDRDWIARESTAVSLWGHDFTVGARG
;
_entity_poly.pdbx_strand_id   A,B
#
loop_
_chem_comp.id
_chem_comp.type
_chem_comp.name
_chem_comp.formula
FE2 non-polymer 'FE (II) ION' 'Fe 2'
SDT non-polymer 3,4-dihydroxy-9,10-secoandrosta-1(10),2,4-triene-9,17-dione 'C19 H24 O4'
#
# COMPACT_ATOMS: atom_id res chain seq x y z
N MET A 1 3.69 14.45 -35.13
CA MET A 1 3.88 13.18 -34.30
C MET A 1 2.74 12.91 -33.15
N SER A 2 2.68 13.77 -32.15
CA SER A 2 1.60 14.68 -31.93
C SER A 2 1.73 15.59 -30.83
N ILE A 3 0.77 15.65 -29.96
CA ILE A 3 1.14 15.95 -28.61
CA ILE A 3 1.06 15.92 -28.57
C ILE A 3 1.69 14.63 -28.06
N ARG A 4 2.80 14.72 -27.31
CA ARG A 4 3.41 13.52 -26.76
C ARG A 4 3.22 13.34 -25.27
N SER A 5 3.01 14.44 -24.51
CA SER A 5 2.83 14.30 -23.07
C SER A 5 2.36 15.58 -22.42
N LEU A 6 1.95 15.45 -21.17
CA LEU A 6 1.63 16.61 -20.35
C LEU A 6 2.92 17.25 -19.84
N GLY A 7 3.14 18.54 -20.21
CA GLY A 7 4.35 19.31 -19.92
C GLY A 7 4.35 20.03 -18.57
N TYR A 8 3.34 20.86 -18.36
CA TYR A 8 3.27 21.67 -17.17
C TYR A 8 1.79 22.01 -16.90
N LEU A 9 1.51 22.52 -15.72
CA LEU A 9 0.18 23.01 -15.38
C LEU A 9 0.40 24.39 -14.76
N ARG A 10 -0.36 25.40 -15.19
CA ARG A 10 -0.29 26.71 -14.55
C ARG A 10 -1.60 26.99 -13.83
N ILE A 11 -1.56 27.25 -12.54
CA ILE A 11 -2.77 27.48 -11.78
C ILE A 11 -2.67 28.92 -11.18
N GLU A 12 -3.82 29.52 -10.89
CA GLU A 12 -3.97 30.74 -10.09
C GLU A 12 -4.31 30.39 -8.60
N ALA A 13 -3.87 31.21 -7.63
CA ALA A 13 -4.03 30.86 -6.21
C ALA A 13 -4.25 32.05 -5.29
N THR A 14 -5.14 31.87 -4.29
CA THR A 14 -5.38 32.86 -3.27
C THR A 14 -4.46 32.80 -2.06
N ASP A 15 -3.89 31.65 -1.76
CA ASP A 15 -2.92 31.60 -0.67
C ASP A 15 -1.56 31.04 -1.13
N MET A 16 -0.57 31.92 -1.27
CA MET A 16 0.68 31.53 -1.89
C MET A 16 1.59 30.88 -0.86
N ALA A 17 1.43 31.26 0.40
CA ALA A 17 2.27 30.77 1.43
C ALA A 17 1.89 29.33 1.70
N ALA A 18 0.59 29.01 1.56
CA ALA A 18 0.05 27.65 1.80
C ALA A 18 0.47 26.68 0.72
N TRP A 19 0.48 27.12 -0.55
CA TRP A 19 0.98 26.37 -1.68
C TRP A 19 2.47 26.06 -1.63
N ARG A 20 3.27 27.03 -1.19
CA ARG A 20 4.71 26.82 -1.01
C ARG A 20 5.01 25.78 0.06
N GLU A 21 4.36 25.93 1.18
CA GLU A 21 4.45 24.99 2.29
C GLU A 21 4.02 23.57 1.90
N TYR A 22 2.91 23.49 1.14
CA TYR A 22 2.33 22.24 0.59
C TYR A 22 3.28 21.57 -0.43
N GLY A 23 3.59 22.33 -1.48
CA GLY A 23 4.43 21.98 -2.60
C GLY A 23 5.73 21.40 -2.13
N LEU A 24 6.27 22.04 -1.07
CA LEU A 24 7.58 21.74 -0.50
C LEU A 24 7.66 20.73 0.63
N LYS A 25 6.72 20.76 1.57
CA LYS A 25 6.73 19.92 2.72
C LYS A 25 5.79 18.73 2.62
N VAL A 26 4.79 18.81 1.74
CA VAL A 26 3.91 17.62 1.58
C VAL A 26 4.29 16.94 0.32
N LEU A 27 4.20 17.61 -0.83
CA LEU A 27 4.54 16.98 -2.09
C LEU A 27 6.02 16.59 -2.23
N GLY A 28 6.93 17.27 -1.54
CA GLY A 28 8.36 17.08 -1.68
C GLY A 28 8.90 17.47 -3.00
N MET A 29 8.28 18.42 -3.66
CA MET A 29 8.81 19.01 -4.89
C MET A 29 9.86 20.04 -4.49
N VAL A 30 10.52 20.62 -5.48
CA VAL A 30 11.66 21.47 -5.26
C VAL A 30 11.38 22.84 -5.90
N GLU A 31 11.76 23.92 -5.20
CA GLU A 31 11.47 25.26 -5.76
C GLU A 31 12.38 25.64 -6.95
N GLY A 32 11.81 26.03 -8.07
CA GLY A 32 12.60 26.56 -9.16
C GLY A 32 12.95 28.06 -9.11
N LYS A 33 13.57 28.57 -10.19
CA LYS A 33 14.17 29.88 -10.22
C LYS A 33 13.86 30.48 -11.59
N GLY A 34 13.78 31.80 -11.75
CA GLY A 34 13.42 32.78 -10.73
C GLY A 34 12.09 33.25 -11.35
N ALA A 35 11.00 32.65 -10.89
CA ALA A 35 9.66 33.01 -11.29
C ALA A 35 9.46 34.49 -11.06
N PRO A 36 8.52 35.14 -11.80
CA PRO A 36 8.03 36.44 -11.40
C PRO A 36 7.77 36.52 -9.88
N GLU A 37 7.84 37.74 -9.34
CA GLU A 37 7.42 38.10 -7.98
C GLU A 37 5.88 37.93 -7.85
N GLY A 38 5.34 37.35 -6.77
CA GLY A 38 5.88 36.22 -6.04
C GLY A 38 5.03 35.04 -6.53
N ALA A 39 5.25 34.69 -7.80
CA ALA A 39 4.86 33.41 -8.39
C ALA A 39 5.73 32.26 -7.81
N LEU A 40 5.24 31.04 -7.96
CA LEU A 40 5.92 29.84 -7.43
C LEU A 40 6.09 28.77 -8.55
N TYR A 41 7.36 28.40 -8.80
CA TYR A 41 7.75 27.28 -9.70
C TYR A 41 8.03 25.99 -8.90
N LEU A 42 7.33 24.91 -9.22
CA LEU A 42 7.52 23.69 -8.42
C LEU A 42 8.04 22.63 -9.41
N ARG A 43 9.16 21.98 -9.03
CA ARG A 43 9.93 21.14 -9.95
C ARG A 43 9.89 19.68 -9.49
N MET A 44 9.83 18.81 -10.51
CA MET A 44 9.82 17.37 -10.34
C MET A 44 11.04 16.67 -10.92
N ASP A 45 11.78 17.38 -11.77
CA ASP A 45 12.80 16.75 -12.65
C ASP A 45 13.47 17.86 -13.41
N ASP A 46 13.93 17.65 -14.64
CA ASP A 46 14.72 18.75 -15.20
C ASP A 46 13.91 19.83 -15.90
N PHE A 47 12.58 19.67 -15.95
CA PHE A 47 11.72 20.80 -16.40
C PHE A 47 11.97 21.98 -15.48
N PRO A 48 12.11 23.19 -16.06
CA PRO A 48 12.23 24.39 -15.22
C PRO A 48 11.09 24.51 -14.15
N ALA A 49 9.86 24.13 -14.49
CA ALA A 49 8.74 24.01 -13.52
C ALA A 49 7.75 22.97 -14.07
N ARG A 50 7.17 22.11 -13.22
CA ARG A 50 6.06 21.34 -13.74
C ARG A 50 4.71 21.90 -13.25
N LEU A 51 4.66 22.36 -11.98
CA LEU A 51 3.44 23.02 -11.41
C LEU A 51 3.77 24.50 -11.11
N VAL A 52 3.28 25.42 -11.94
CA VAL A 52 3.52 26.87 -11.77
C VAL A 52 2.29 27.52 -11.05
N VAL A 53 2.50 28.10 -9.85
CA VAL A 53 1.45 28.73 -9.05
C VAL A 53 1.60 30.25 -9.00
N VAL A 54 0.60 30.96 -9.55
CA VAL A 54 0.58 32.45 -9.66
C VAL A 54 -0.52 33.08 -8.80
N PRO A 55 -0.19 34.21 -8.11
CA PRO A 55 -1.11 34.92 -7.22
C PRO A 55 -2.37 35.41 -7.95
N GLY A 56 -3.52 35.25 -7.34
CA GLY A 56 -4.75 35.81 -7.95
C GLY A 56 -5.92 35.77 -6.99
N GLU A 57 -7.09 35.98 -7.56
CA GLU A 57 -8.31 36.10 -6.75
C GLU A 57 -9.16 34.86 -6.65
N HIS A 58 -8.88 33.89 -7.55
CA HIS A 58 -9.46 32.54 -7.48
C HIS A 58 -8.40 31.44 -7.34
N ASP A 59 -8.82 30.31 -6.77
CA ASP A 59 -8.16 29.04 -7.00
C ASP A 59 -8.74 28.30 -8.25
N ARG A 60 -8.02 28.42 -9.36
CA ARG A 60 -8.43 27.95 -10.69
C ARG A 60 -7.27 27.44 -11.55
N LEU A 61 -7.56 26.67 -12.57
CA LEU A 61 -6.57 26.28 -13.56
C LEU A 61 -6.43 27.38 -14.56
N LEU A 62 -5.20 27.75 -14.90
CA LEU A 62 -5.04 28.74 -15.94
C LEU A 62 -4.88 28.00 -17.28
N GLU A 63 -3.79 27.22 -17.41
CA GLU A 63 -3.54 26.46 -18.66
C GLU A 63 -2.90 25.15 -18.31
N ALA A 64 -3.28 24.14 -19.11
CA ALA A 64 -2.49 22.92 -19.25
C ALA A 64 -1.48 23.06 -20.40
N GLY A 65 -0.18 22.77 -20.14
CA GLY A 65 0.85 22.78 -21.24
C GLY A 65 1.25 21.40 -21.77
N TRP A 66 1.26 21.27 -23.08
CA TRP A 66 1.32 19.96 -23.79
C TRP A 66 2.53 19.97 -24.73
N GLU A 67 3.44 19.02 -24.50
CA GLU A 67 4.73 18.91 -25.22
C GLU A 67 4.67 18.00 -26.41
N CYS A 68 5.28 18.55 -27.47
CA CYS A 68 5.41 17.95 -28.79
C CYS A 68 6.91 17.60 -28.94
N ALA A 69 7.22 16.64 -29.80
CA ALA A 69 8.61 16.19 -29.98
C ALA A 69 9.53 17.22 -30.64
N ASN A 70 8.97 18.11 -31.44
CA ASN A 70 9.74 19.02 -32.33
C ASN A 70 8.79 19.88 -33.11
N ALA A 71 9.38 20.74 -33.98
CA ALA A 71 8.65 21.77 -34.68
C ALA A 71 7.55 21.16 -35.53
N GLU A 72 7.85 20.02 -36.18
CA GLU A 72 6.97 19.38 -37.11
C GLU A 72 5.83 18.73 -36.34
N GLY A 73 6.06 18.17 -35.15
CA GLY A 73 4.94 17.69 -34.29
C GLY A 73 3.94 18.79 -33.88
N LEU A 74 4.44 19.97 -33.54
CA LEU A 74 3.60 21.19 -33.41
C LEU A 74 2.82 21.63 -34.65
N GLN A 75 3.50 21.67 -35.81
CA GLN A 75 2.78 21.87 -37.10
C GLN A 75 1.63 20.88 -37.35
N GLU A 76 1.81 19.61 -36.98
CA GLU A 76 0.75 18.65 -37.17
C GLU A 76 -0.54 19.02 -36.38
N ILE A 77 -0.34 19.67 -35.24
CA ILE A 77 -1.40 20.13 -34.33
C ILE A 77 -1.99 21.40 -34.88
N ARG A 78 -1.21 22.35 -35.35
CA ARG A 78 -1.80 23.48 -36.16
C ARG A 78 -2.73 22.97 -37.26
N ASN A 79 -2.18 22.06 -38.08
CA ASN A 79 -2.92 21.55 -39.23
C ASN A 79 -4.26 20.95 -38.80
N ARG A 80 -4.29 20.27 -37.64
CA ARG A 80 -5.54 19.65 -37.16
C ARG A 80 -6.58 20.67 -36.63
N LEU A 81 -6.08 21.76 -36.08
CA LEU A 81 -6.91 22.82 -35.52
C LEU A 81 -7.50 23.62 -36.66
N ASP A 82 -6.69 23.85 -37.70
CA ASP A 82 -7.17 24.46 -38.93
C ASP A 82 -8.27 23.68 -39.65
N LEU A 83 -8.15 22.38 -39.74
CA LEU A 83 -9.15 21.53 -40.36
C LEU A 83 -10.57 21.69 -39.72
N GLU A 84 -10.54 21.94 -38.42
CA GLU A 84 -11.72 22.07 -37.59
C GLU A 84 -12.24 23.54 -37.51
N GLY A 85 -11.33 24.48 -37.79
CA GLY A 85 -11.55 25.92 -37.64
C GLY A 85 -11.39 26.46 -36.23
N THR A 86 -10.78 25.67 -35.36
CA THR A 86 -10.46 26.06 -34.00
C THR A 86 -9.44 27.23 -33.92
N PRO A 87 -9.90 28.38 -33.41
CA PRO A 87 -9.00 29.54 -33.27
C PRO A 87 -7.77 29.27 -32.37
N TYR A 88 -6.57 29.66 -32.79
CA TYR A 88 -5.37 29.58 -31.91
C TYR A 88 -4.46 30.74 -32.20
N LYS A 89 -3.78 31.23 -31.17
CA LYS A 89 -2.82 32.31 -31.32
C LYS A 89 -1.39 31.77 -31.21
N GLU A 90 -0.42 32.36 -31.91
CA GLU A 90 0.97 32.03 -31.69
C GLU A 90 1.42 32.76 -30.44
N ALA A 91 2.29 32.17 -29.62
CA ALA A 91 2.81 32.91 -28.46
C ALA A 91 3.67 34.14 -28.82
N THR A 92 3.67 35.12 -27.92
CA THR A 92 4.39 36.43 -28.10
C THR A 92 5.85 36.23 -27.66
N ALA A 93 6.74 37.20 -27.90
CA ALA A 93 8.11 36.93 -27.47
C ALA A 93 8.21 36.74 -25.97
N ALA A 94 7.42 37.49 -25.19
CA ALA A 94 7.52 37.47 -23.71
C ALA A 94 7.01 36.16 -23.14
N GLU A 95 6.04 35.58 -23.82
CA GLU A 95 5.44 34.31 -23.49
C GLU A 95 6.45 33.15 -23.68
N LEU A 96 7.09 33.11 -24.85
CA LEU A 96 8.20 32.19 -25.13
C LEU A 96 9.30 32.26 -24.08
N ALA A 97 9.88 33.46 -23.87
CA ALA A 97 10.80 33.70 -22.74
C ALA A 97 10.30 33.25 -21.36
N ASP A 98 9.05 33.56 -21.03
CA ASP A 98 8.44 33.16 -19.78
C ASP A 98 8.28 31.59 -19.60
N ARG A 99 7.70 30.92 -20.60
CA ARG A 99 7.50 29.50 -20.58
C ARG A 99 8.76 28.66 -20.86
N ARG A 100 9.78 29.31 -21.41
CA ARG A 100 11.09 28.76 -21.77
C ARG A 100 10.92 27.70 -22.84
N VAL A 101 10.09 27.99 -23.84
CA VAL A 101 9.86 27.11 -25.02
C VAL A 101 10.23 27.85 -26.31
N ASP A 102 10.30 27.10 -27.42
CA ASP A 102 10.74 27.59 -28.69
C ASP A 102 9.60 28.04 -29.60
N GLU A 103 8.47 27.34 -29.47
CA GLU A 103 7.25 27.72 -30.11
C GLU A 103 6.18 27.28 -29.18
N MET A 104 5.03 27.94 -29.29
CA MET A 104 3.88 27.57 -28.51
C MET A 104 2.65 28.21 -29.13
N ILE A 105 1.56 27.43 -29.21
CA ILE A 105 0.23 27.92 -29.68
C ILE A 105 -0.77 27.87 -28.51
N ARG A 106 -1.67 28.84 -28.42
CA ARG A 106 -2.72 28.88 -27.39
C ARG A 106 -4.07 28.77 -28.01
N PHE A 107 -4.88 27.93 -27.39
CA PHE A 107 -6.28 27.83 -27.68
C PHE A 107 -7.01 27.25 -26.50
N ALA A 108 -8.30 27.07 -26.72
CA ALA A 108 -9.21 26.56 -25.71
C ALA A 108 -10.01 25.45 -26.37
N ASP A 109 -10.33 24.44 -25.59
CA ASP A 109 -11.31 23.45 -25.99
C ASP A 109 -12.76 24.07 -25.94
N PRO A 110 -13.77 23.34 -26.46
CA PRO A 110 -15.11 23.94 -26.45
C PRO A 110 -15.77 24.24 -25.09
N SER A 111 -15.36 23.59 -23.99
CA SER A 111 -15.73 24.05 -22.63
C SER A 111 -14.95 25.27 -22.06
N GLY A 112 -14.01 25.81 -22.82
CA GLY A 112 -13.26 26.98 -22.43
C GLY A 112 -11.95 26.73 -21.72
N ASN A 113 -11.66 25.44 -21.46
CA ASN A 113 -10.39 24.99 -20.92
C ASN A 113 -9.21 25.37 -21.84
N CYS A 114 -8.21 26.03 -21.27
CA CYS A 114 -7.18 26.64 -22.08
C CYS A 114 -5.96 25.74 -22.19
N LEU A 115 -5.51 25.50 -23.42
CA LEU A 115 -4.30 24.69 -23.72
C LEU A 115 -3.16 25.53 -24.23
N GLU A 116 -1.94 25.13 -23.87
CA GLU A 116 -0.73 25.66 -24.53
C GLU A 116 0.08 24.51 -25.16
N VAL A 117 0.10 24.36 -26.50
CA VAL A 117 0.86 23.29 -27.08
C VAL A 117 2.23 23.85 -27.56
N PHE A 118 3.35 23.22 -27.14
CA PHE A 118 4.64 23.77 -27.30
C PHE A 118 5.66 22.69 -27.83
N HIS A 119 6.87 23.12 -28.23
CA HIS A 119 8.03 22.27 -28.38
C HIS A 119 9.24 23.11 -28.00
N GLY A 120 10.35 22.42 -27.67
CA GLY A 120 11.66 23.05 -27.57
C GLY A 120 11.89 23.68 -26.22
N THR A 121 11.39 23.05 -25.17
CA THR A 121 11.61 23.54 -23.83
C THR A 121 13.10 23.48 -23.37
N ALA A 122 13.54 24.52 -22.62
CA ALA A 122 14.79 24.50 -21.87
C ALA A 122 14.69 23.50 -20.76
N LEU A 123 15.81 22.89 -20.41
CA LEU A 123 15.86 22.05 -19.23
C LEU A 123 16.88 22.58 -18.28
N GLU A 124 16.78 22.26 -17.01
CA GLU A 124 17.78 22.65 -15.98
C GLU A 124 18.51 21.39 -15.47
N HIS A 125 19.85 21.41 -15.29
CA HIS A 125 20.58 20.13 -15.24
C HIS A 125 21.14 19.69 -13.90
N ARG A 126 21.15 20.58 -12.92
CA ARG A 126 21.61 20.23 -11.61
C ARG A 126 20.51 19.37 -10.98
N ARG A 127 20.94 18.34 -10.25
CA ARG A 127 20.04 17.29 -9.80
C ARG A 127 18.95 17.88 -8.94
N VAL A 128 17.70 17.54 -9.22
CA VAL A 128 16.56 17.87 -8.37
C VAL A 128 16.42 16.81 -7.30
N VAL A 129 16.63 17.23 -6.05
CA VAL A 129 16.71 16.31 -4.94
C VAL A 129 15.63 16.62 -3.89
N SER A 130 14.62 15.74 -3.85
CA SER A 130 13.58 15.84 -2.86
C SER A 130 14.18 15.57 -1.51
N PRO A 131 13.95 16.46 -0.55
CA PRO A 131 14.29 16.23 0.84
C PRO A 131 13.78 14.89 1.40
N TYR A 132 12.74 14.33 0.75
CA TYR A 132 12.12 13.09 1.24
C TYR A 132 12.57 11.78 0.61
N GLY A 133 13.43 11.91 -0.41
CA GLY A 133 14.15 10.79 -1.01
C GLY A 133 13.42 10.18 -2.18
N HIS A 134 12.20 10.65 -2.51
CA HIS A 134 11.54 10.05 -3.66
C HIS A 134 11.95 10.67 -5.00
N ARG A 135 11.78 9.88 -6.05
CA ARG A 135 11.86 10.33 -7.39
C ARG A 135 10.51 10.24 -8.04
N PHE A 136 10.18 11.27 -8.83
CA PHE A 136 8.95 11.25 -9.64
C PHE A 136 9.14 10.47 -10.95
N VAL A 137 8.03 10.05 -11.52
CA VAL A 137 7.97 9.28 -12.74
C VAL A 137 7.47 10.19 -13.81
N THR A 138 8.37 10.58 -14.70
CA THR A 138 8.02 11.52 -15.75
C THR A 138 8.60 10.98 -17.04
N GLY A 139 9.70 11.54 -17.50
CA GLY A 139 10.25 11.06 -18.78
C GLY A 139 9.22 11.01 -19.92
N GLU A 140 9.12 9.87 -20.64
CA GLU A 140 8.21 9.81 -21.78
C GLU A 140 6.76 9.77 -21.34
N GLN A 141 6.50 9.52 -20.08
CA GLN A 141 5.17 9.63 -19.53
C GLN A 141 4.74 11.08 -19.15
N GLY A 142 5.66 12.05 -19.23
CA GLY A 142 5.39 13.44 -18.87
C GLY A 142 5.06 13.67 -17.39
N MET A 143 4.43 14.81 -17.10
CA MET A 143 4.30 15.22 -15.72
C MET A 143 3.33 14.37 -14.92
N GLY A 144 2.31 13.81 -15.58
CA GLY A 144 1.31 13.04 -14.83
C GLY A 144 0.00 12.97 -15.58
N HIS A 145 -1.10 13.09 -14.87
CA HIS A 145 -2.38 13.40 -15.59
C HIS A 145 -3.23 14.44 -14.89
N VAL A 146 -4.18 14.99 -15.68
CA VAL A 146 -5.15 15.95 -15.17
C VAL A 146 -6.59 15.54 -15.61
N VAL A 147 -7.48 15.52 -14.60
CA VAL A 147 -8.91 15.34 -14.81
C VAL A 147 -9.65 16.69 -14.73
N LEU A 148 -10.16 17.15 -15.86
CA LEU A 148 -10.75 18.45 -15.95
C LEU A 148 -12.28 18.32 -16.04
N SER A 149 -12.97 19.46 -15.96
CA SER A 149 -14.43 19.49 -16.09
C SER A 149 -14.87 19.81 -17.53
N THR A 150 -15.99 19.23 -17.96
CA THR A 150 -16.48 19.41 -19.33
C THR A 150 -17.96 19.73 -19.38
N ARG A 151 -18.40 20.49 -20.39
CA ARG A 151 -19.84 20.77 -20.50
C ARG A 151 -20.66 19.69 -21.24
N ASP A 152 -20.01 19.02 -22.18
CA ASP A 152 -20.64 18.04 -23.03
C ASP A 152 -19.57 17.00 -23.34
N ASP A 153 -19.90 15.72 -23.11
CA ASP A 153 -18.84 14.72 -23.22
C ASP A 153 -18.65 14.28 -24.65
N ALA A 154 -19.69 14.46 -25.48
CA ALA A 154 -19.59 14.07 -26.88
C ALA A 154 -18.81 15.10 -27.70
N GLU A 155 -18.87 16.36 -27.26
CA GLU A 155 -18.16 17.41 -27.94
C GLU A 155 -16.68 17.31 -27.57
N ALA A 156 -16.39 16.96 -26.31
CA ALA A 156 -15.05 16.75 -25.83
C ALA A 156 -14.37 15.53 -26.47
N LEU A 157 -15.16 14.48 -26.74
CA LEU A 157 -14.68 13.27 -27.31
C LEU A 157 -14.14 13.60 -28.68
N HIS A 158 -14.96 14.28 -29.47
CA HIS A 158 -14.57 14.79 -30.77
C HIS A 158 -13.35 15.72 -30.74
N PHE A 159 -13.29 16.67 -29.81
CA PHE A 159 -12.16 17.60 -29.81
C PHE A 159 -10.82 16.89 -29.49
N TYR A 160 -10.82 16.13 -28.41
CA TYR A 160 -9.67 15.47 -27.91
C TYR A 160 -9.23 14.29 -28.73
N ARG A 161 -10.15 13.41 -29.14
CA ARG A 161 -9.78 12.28 -29.99
C ARG A 161 -9.63 12.62 -31.44
N ASP A 162 -10.65 13.28 -32.01
CA ASP A 162 -10.70 13.43 -33.47
C ASP A 162 -9.86 14.65 -33.90
N VAL A 163 -9.98 15.77 -33.21
CA VAL A 163 -9.21 16.93 -33.62
C VAL A 163 -7.74 16.85 -33.16
N LEU A 164 -7.54 16.59 -31.86
CA LEU A 164 -6.17 16.57 -31.30
C LEU A 164 -5.36 15.23 -31.33
N GLY A 165 -6.05 14.09 -31.45
CA GLY A 165 -5.40 12.81 -31.60
C GLY A 165 -5.05 12.02 -30.35
N PHE A 166 -5.61 12.35 -29.18
CA PHE A 166 -5.40 11.49 -28.03
C PHE A 166 -6.11 10.20 -28.36
N ARG A 167 -5.76 9.10 -27.68
CA ARG A 167 -6.46 7.83 -27.86
C ARG A 167 -7.37 7.68 -26.71
N LEU A 168 -8.60 7.22 -26.92
CA LEU A 168 -9.50 6.84 -25.83
C LEU A 168 -8.97 5.56 -25.20
N ARG A 169 -8.70 5.62 -23.88
CA ARG A 169 -8.04 4.54 -23.17
C ARG A 169 -8.98 3.84 -22.24
N ASP A 170 -9.94 4.56 -21.70
CA ASP A 170 -11.00 3.97 -20.86
C ASP A 170 -12.24 4.89 -20.77
N SER A 171 -13.38 4.34 -20.33
CA SER A 171 -14.64 5.09 -20.17
C SER A 171 -15.41 4.54 -18.98
N MET A 172 -16.00 5.42 -18.19
CA MET A 172 -16.79 4.99 -17.05
C MET A 172 -18.09 5.76 -17.04
N ARG A 173 -19.22 5.06 -16.97
CA ARG A 173 -20.52 5.74 -17.06
C ARG A 173 -20.91 6.35 -15.71
N LEU A 174 -21.54 7.53 -15.80
CA LEU A 174 -22.09 8.22 -14.65
C LEU A 174 -23.65 8.32 -14.74
N PRO A 175 -24.35 7.95 -13.64
CA PRO A 175 -25.83 8.08 -13.53
C PRO A 175 -26.43 9.38 -14.18
N PRO A 176 -27.43 9.25 -15.12
CA PRO A 176 -28.12 10.45 -15.69
C PRO A 176 -28.63 11.53 -14.66
N GLN A 177 -29.05 11.10 -13.45
CA GLN A 177 -29.64 11.99 -12.41
C GLN A 177 -28.62 12.79 -11.54
N MET A 178 -27.41 12.26 -11.37
CA MET A 178 -26.29 13.06 -10.84
C MET A 178 -25.50 13.95 -11.91
N VAL A 179 -26.02 14.09 -13.13
CA VAL A 179 -25.62 15.15 -14.10
C VAL A 179 -26.70 16.24 -14.15
N GLY A 180 -27.86 15.99 -13.51
CA GLY A 180 -29.02 16.87 -13.63
C GLY A 180 -30.19 16.47 -14.56
N ARG A 181 -30.06 15.30 -15.19
CA ARG A 181 -30.99 14.80 -16.21
C ARG A 181 -31.99 13.76 -15.61
N PRO A 182 -33.00 13.29 -16.40
CA PRO A 182 -34.12 12.52 -15.76
C PRO A 182 -33.78 11.24 -14.90
N ALA A 183 -34.03 10.05 -15.45
CA ALA A 183 -33.93 8.76 -14.74
C ALA A 183 -34.25 7.65 -15.75
N ASP A 184 -34.99 8.03 -16.80
CA ASP A 184 -34.94 7.36 -18.11
C ASP A 184 -33.90 8.19 -18.86
N GLY A 185 -33.47 7.75 -20.05
CA GLY A 185 -32.54 8.55 -20.87
C GLY A 185 -31.07 8.56 -20.44
N PRO A 186 -30.14 8.90 -21.40
CA PRO A 186 -28.66 8.74 -21.48
C PRO A 186 -27.76 9.05 -20.23
N PRO A 187 -26.79 8.11 -19.90
CA PRO A 187 -25.77 8.43 -18.86
C PRO A 187 -24.78 9.48 -19.36
N ALA A 188 -24.10 10.13 -18.42
CA ALA A 188 -22.84 10.85 -18.74
C ALA A 188 -21.52 10.05 -18.45
N TRP A 189 -20.57 10.29 -19.37
CA TRP A 189 -19.35 9.53 -19.45
C TRP A 189 -18.14 10.27 -18.90
N LEU A 190 -17.38 9.57 -18.07
CA LEU A 190 -16.00 9.97 -17.71
C LEU A 190 -15.11 9.26 -18.74
N ARG A 191 -14.36 10.02 -19.54
CA ARG A 191 -13.47 9.48 -20.59
C ARG A 191 -11.99 9.79 -20.26
N PHE A 192 -11.15 8.77 -20.38
CA PHE A 192 -9.73 8.83 -20.05
C PHE A 192 -8.99 8.79 -21.39
N PHE A 193 -8.13 9.79 -21.66
CA PHE A 193 -7.29 9.90 -22.88
C PHE A 193 -5.79 9.79 -22.67
N GLY A 194 -5.07 9.26 -23.63
CA GLY A 194 -3.62 9.18 -23.51
C GLY A 194 -2.94 9.55 -24.81
N CYS A 195 -1.69 9.99 -24.68
CA CYS A 195 -0.92 10.45 -25.82
C CYS A 195 0.47 9.79 -25.78
N ASN A 196 0.69 8.92 -24.79
CA ASN A 196 1.93 8.23 -24.63
C ASN A 196 1.58 6.95 -23.82
N PRO A 197 2.56 6.15 -23.41
CA PRO A 197 2.26 4.90 -22.67
C PRO A 197 1.53 5.05 -21.31
N ARG A 198 1.62 6.24 -20.68
CA ARG A 198 0.92 6.47 -19.41
C ARG A 198 -0.58 6.19 -19.67
N HIS A 199 -1.19 5.25 -18.96
CA HIS A 199 -2.59 4.87 -19.32
C HIS A 199 -3.44 6.08 -19.65
N HIS A 200 -3.40 7.10 -18.81
CA HIS A 200 -4.00 8.39 -19.20
C HIS A 200 -3.20 9.60 -18.79
N SER A 201 -3.19 10.59 -19.68
CA SER A 201 -2.64 11.94 -19.47
C SER A 201 -3.75 12.97 -19.20
N LEU A 202 -4.97 12.59 -19.56
CA LEU A 202 -6.09 13.55 -19.61
C LEU A 202 -7.33 12.76 -19.39
N ALA A 203 -8.23 13.27 -18.54
CA ALA A 203 -9.65 12.76 -18.50
C ALA A 203 -10.61 13.93 -18.32
N PHE A 204 -11.86 13.73 -18.69
CA PHE A 204 -12.86 14.82 -18.57
C PHE A 204 -14.16 14.32 -17.96
N LEU A 205 -14.50 14.93 -16.83
CA LEU A 205 -15.76 14.69 -16.09
C LEU A 205 -16.78 15.83 -16.49
N PRO A 206 -18.05 15.48 -16.82
CA PRO A 206 -19.03 16.51 -17.11
C PRO A 206 -19.72 16.92 -15.86
N MET A 207 -18.95 17.44 -14.91
CA MET A 207 -19.50 17.81 -13.66
C MET A 207 -18.74 19.02 -13.20
N PRO A 208 -19.44 19.95 -12.54
CA PRO A 208 -18.91 21.30 -12.32
C PRO A 208 -17.94 21.37 -11.15
N THR A 209 -16.88 22.14 -11.31
CA THR A 209 -15.91 22.33 -10.23
C THR A 209 -15.60 23.79 -10.15
N SER A 210 -15.25 24.24 -8.96
CA SER A 210 -14.92 25.64 -8.81
C SER A 210 -13.61 26.05 -9.55
N SER A 211 -12.61 25.17 -9.48
CA SER A 211 -11.26 25.44 -10.00
C SER A 211 -11.01 25.10 -11.45
N GLY A 212 -11.88 24.32 -12.09
CA GLY A 212 -11.55 23.88 -13.45
C GLY A 212 -11.00 22.46 -13.40
N ILE A 213 -10.56 22.07 -12.20
CA ILE A 213 -9.86 20.88 -12.11
C ILE A 213 -10.43 19.90 -11.09
N VAL A 214 -10.67 18.65 -11.54
CA VAL A 214 -11.15 17.55 -10.70
C VAL A 214 -9.96 16.99 -9.92
N HIS A 215 -8.84 16.71 -10.59
CA HIS A 215 -7.59 16.30 -9.91
C HIS A 215 -6.34 16.37 -10.74
N LEU A 216 -5.20 16.54 -10.07
CA LEU A 216 -3.88 16.43 -10.66
C LEU A 216 -3.31 15.13 -10.12
N MET A 217 -2.83 14.25 -10.98
CA MET A 217 -2.05 13.08 -10.46
C MET A 217 -0.54 13.22 -10.68
N VAL A 218 0.25 13.03 -9.63
CA VAL A 218 1.72 12.92 -9.82
C VAL A 218 2.17 11.56 -9.33
N GLU A 219 3.16 11.01 -10.01
CA GLU A 219 3.61 9.62 -9.79
C GLU A 219 5.03 9.58 -9.25
N VAL A 220 5.23 8.80 -8.18
CA VAL A 220 6.51 8.49 -7.61
C VAL A 220 6.86 7.01 -7.87
N GLU A 221 8.14 6.67 -7.75
CA GLU A 221 8.63 5.27 -8.06
C GLU A 221 8.05 4.08 -7.30
N GLN A 222 7.96 4.23 -5.99
CA GLN A 222 7.57 3.11 -5.17
C GLN A 222 6.48 3.42 -4.09
N ALA A 223 5.69 2.40 -3.73
CA ALA A 223 4.69 2.40 -2.61
C ALA A 223 5.14 3.12 -1.35
N ASP A 224 6.41 2.94 -1.01
CA ASP A 224 7.01 3.59 0.17
C ASP A 224 6.96 5.12 0.02
N ASP A 225 7.17 5.62 -1.21
CA ASP A 225 7.15 7.05 -1.42
C ASP A 225 5.73 7.61 -1.21
N VAL A 226 4.70 6.81 -1.56
CA VAL A 226 3.27 7.15 -1.40
C VAL A 226 2.93 7.14 0.10
N GLY A 227 3.32 6.07 0.81
CA GLY A 227 3.05 5.98 2.22
C GLY A 227 3.69 7.08 3.08
N LEU A 228 4.93 7.42 2.74
CA LEU A 228 5.66 8.51 3.41
C LEU A 228 4.96 9.84 3.07
N CYS A 229 4.54 10.09 1.84
CA CYS A 229 3.73 11.28 1.58
C CYS A 229 2.44 11.38 2.46
N LEU A 230 1.62 10.34 2.44
CA LEU A 230 0.39 10.26 3.18
C LEU A 230 0.67 10.65 4.64
N ASP A 231 1.75 10.10 5.18
CA ASP A 231 2.15 10.43 6.53
C ASP A 231 2.52 11.91 6.78
N ARG A 232 3.16 12.60 5.81
CA ARG A 232 3.45 14.06 5.88
C ARG A 232 2.22 14.91 5.83
N ALA A 233 1.32 14.50 4.96
CA ALA A 233 0.01 15.06 4.77
C ALA A 233 -0.88 14.93 6.01
N LEU A 234 -0.83 13.81 6.73
CA LEU A 234 -1.61 13.60 7.96
C LEU A 234 -1.03 14.46 9.12
N ARG A 235 0.30 14.52 9.20
CA ARG A 235 1.01 15.31 10.15
C ARG A 235 0.71 16.80 9.91
N ARG A 236 0.59 17.24 8.66
CA ARG A 236 0.34 18.65 8.36
C ARG A 236 -1.15 19.02 8.32
N LYS A 237 -1.98 18.08 8.77
CA LYS A 237 -3.43 18.20 8.79
C LYS A 237 -4.06 18.49 7.40
N VAL A 238 -3.40 18.11 6.31
CA VAL A 238 -4.01 18.18 4.93
C VAL A 238 -5.33 17.39 4.89
N PRO A 239 -6.41 17.99 4.30
CA PRO A 239 -7.69 17.23 4.24
C PRO A 239 -7.62 16.08 3.23
N MET A 240 -8.00 14.90 3.68
CA MET A 240 -7.99 13.71 2.85
C MET A 240 -9.27 13.71 2.04
N SER A 241 -9.18 13.34 0.75
CA SER A 241 -10.34 13.06 -0.08
C SER A 241 -10.66 11.58 -0.36
N ALA A 242 -9.65 10.71 -0.32
CA ALA A 242 -9.82 9.27 -0.64
C ALA A 242 -8.66 8.56 -0.05
N THR A 243 -8.98 7.44 0.60
CA THR A 243 -7.97 6.67 1.24
C THR A 243 -7.16 5.92 0.19
N LEU A 244 -5.96 5.45 0.56
CA LEU A 244 -5.18 4.59 -0.30
C LEU A 244 -6.03 3.49 -1.00
N GLY A 245 -5.78 3.30 -2.28
CA GLY A 245 -6.40 2.19 -3.03
C GLY A 245 -5.66 1.89 -4.33
N ARG A 246 -6.17 0.97 -5.11
CA ARG A 246 -5.66 0.67 -6.43
C ARG A 246 -6.77 0.78 -7.39
N HIS A 247 -6.52 1.54 -8.45
CA HIS A 247 -7.48 1.77 -9.49
C HIS A 247 -7.55 0.57 -10.37
N VAL A 248 -8.72 0.47 -10.97
CA VAL A 248 -9.08 -0.60 -11.86
C VAL A 248 -8.48 -0.29 -13.22
N ASN A 249 -8.56 0.96 -13.68
CA ASN A 249 -8.13 1.19 -15.04
C ASN A 249 -6.58 1.30 -15.29
N ASP A 250 -5.84 2.05 -14.43
CA ASP A 250 -4.41 2.31 -14.60
C ASP A 250 -3.51 1.63 -13.56
N LEU A 251 -4.18 0.87 -12.68
CA LEU A 251 -3.59 0.06 -11.66
C LEU A 251 -2.68 0.89 -10.76
N MET A 252 -2.92 2.18 -10.74
CA MET A 252 -2.23 3.10 -9.86
C MET A 252 -2.56 2.82 -8.42
N LEU A 253 -1.51 2.70 -7.62
CA LEU A 253 -1.66 2.67 -6.20
C LEU A 253 -1.50 4.11 -5.75
N SER A 254 -2.58 4.72 -5.24
CA SER A 254 -2.62 6.15 -4.91
C SER A 254 -3.61 6.55 -3.77
N PHE A 255 -3.39 7.72 -3.15
CA PHE A 255 -4.42 8.30 -2.30
C PHE A 255 -4.78 9.68 -2.86
N TYR A 256 -5.89 10.26 -2.41
CA TYR A 256 -6.24 11.61 -2.87
C TYR A 256 -6.28 12.51 -1.64
N MET A 257 -5.83 13.76 -1.81
CA MET A 257 -5.85 14.75 -0.77
C MET A 257 -6.21 16.07 -1.40
N LYS A 258 -6.83 16.97 -0.61
CA LYS A 258 -7.06 18.38 -1.02
C LYS A 258 -5.80 19.25 -1.01
N THR A 259 -5.63 20.03 -2.06
CA THR A 259 -4.56 21.00 -2.17
C THR A 259 -5.01 22.35 -1.56
N PRO A 260 -4.06 23.31 -1.38
CA PRO A 260 -4.46 24.70 -1.09
C PRO A 260 -5.41 25.30 -2.11
N GLY A 261 -5.51 24.76 -3.31
CA GLY A 261 -6.53 25.27 -4.30
C GLY A 261 -7.90 24.61 -4.07
N GLY A 262 -7.99 23.68 -3.12
CA GLY A 262 -9.26 22.95 -2.91
C GLY A 262 -9.63 21.89 -3.95
N PHE A 263 -8.83 21.68 -5.00
CA PHE A 263 -8.97 20.50 -5.90
C PHE A 263 -8.07 19.40 -5.36
N ASP A 264 -8.34 18.15 -5.76
CA ASP A 264 -7.51 17.05 -5.28
C ASP A 264 -6.20 16.93 -6.06
N ILE A 265 -5.22 16.38 -5.37
CA ILE A 265 -4.06 15.79 -5.99
C ILE A 265 -4.16 14.34 -5.62
N GLU A 266 -3.99 13.51 -6.65
CA GLU A 266 -3.74 12.11 -6.52
C GLU A 266 -2.20 11.83 -6.51
N PHE A 267 -1.72 11.14 -5.51
CA PHE A 267 -0.29 10.95 -5.37
C PHE A 267 -0.11 9.45 -5.45
N GLY A 268 0.53 8.94 -6.51
CA GLY A 268 0.52 7.48 -6.70
C GLY A 268 1.78 6.86 -7.26
N CYS A 269 1.77 5.52 -7.35
CA CYS A 269 2.83 4.72 -7.95
C CYS A 269 2.21 3.51 -8.79
N GLU A 270 3.07 2.82 -9.56
CA GLU A 270 2.79 1.56 -10.26
C GLU A 270 1.83 1.74 -11.40
N GLY A 271 1.89 2.87 -12.08
CA GLY A 271 0.99 3.09 -13.14
C GLY A 271 1.26 2.22 -14.35
N ARG A 272 0.18 1.79 -14.99
CA ARG A 272 0.24 0.71 -15.97
C ARG A 272 0.60 1.40 -17.26
N GLN A 273 1.33 0.72 -18.12
CA GLN A 273 1.65 1.34 -19.38
C GLN A 273 0.95 0.63 -20.56
N VAL A 274 0.64 1.41 -21.56
CA VAL A 274 -0.21 0.99 -22.62
C VAL A 274 0.58 1.09 -23.91
N ASP A 275 0.44 0.05 -24.72
CA ASP A 275 0.85 0.03 -26.13
C ASP A 275 -0.39 0.17 -27.06
N ASP A 276 -0.51 1.27 -27.81
CA ASP A 276 -1.67 1.50 -28.69
C ASP A 276 -1.94 0.38 -29.74
N ARG A 277 -0.93 -0.39 -30.05
CA ARG A 277 -1.04 -1.46 -31.06
C ARG A 277 -1.86 -2.64 -30.53
N ASP A 278 -1.93 -2.80 -29.22
CA ASP A 278 -2.78 -3.90 -28.71
C ASP A 278 -3.91 -3.54 -27.75
N TRP A 279 -3.86 -2.30 -27.25
CA TRP A 279 -4.85 -1.72 -26.34
C TRP A 279 -6.28 -1.69 -26.91
N ILE A 280 -7.21 -2.28 -26.15
CA ILE A 280 -8.68 -2.27 -26.43
C ILE A 280 -9.37 -1.22 -25.53
N ALA A 281 -9.98 -0.19 -26.13
CA ALA A 281 -10.80 0.77 -25.36
C ALA A 281 -12.11 0.11 -24.88
N ARG A 282 -12.28 0.05 -23.56
CA ARG A 282 -13.43 -0.60 -22.89
C ARG A 282 -14.09 0.33 -21.83
N GLU A 283 -15.00 -0.21 -21.05
CA GLU A 283 -15.74 0.50 -20.03
C GLU A 283 -15.48 -0.17 -18.73
N SER A 284 -14.98 0.60 -17.77
CA SER A 284 -14.83 0.17 -16.40
C SER A 284 -16.09 0.47 -15.63
N THR A 285 -16.31 -0.31 -14.58
CA THR A 285 -17.59 -0.32 -13.87
C THR A 285 -17.31 -0.11 -12.38
N ALA A 286 -16.03 0.08 -11.99
CA ALA A 286 -15.62 0.53 -10.61
C ALA A 286 -14.38 1.41 -10.64
N VAL A 287 -14.20 2.29 -9.67
CA VAL A 287 -13.02 3.19 -9.54
C VAL A 287 -11.81 2.38 -9.07
N SER A 288 -12.07 1.43 -8.19
CA SER A 288 -11.06 0.72 -7.48
C SER A 288 -11.28 -0.77 -7.44
N LEU A 289 -10.18 -1.48 -7.48
CA LEU A 289 -10.05 -2.86 -6.97
C LEU A 289 -10.34 -2.96 -5.44
N TRP A 290 -9.78 -1.96 -4.76
CA TRP A 290 -9.79 -1.88 -3.30
C TRP A 290 -9.42 -0.44 -2.86
N GLY A 291 -9.78 -0.11 -1.62
CA GLY A 291 -9.63 1.22 -1.02
C GLY A 291 -10.19 2.36 -1.85
N HIS A 292 -9.57 3.55 -1.74
CA HIS A 292 -10.00 4.73 -2.44
C HIS A 292 -11.42 5.07 -1.97
N ASP A 293 -11.59 5.05 -0.66
CA ASP A 293 -12.86 5.40 -0.08
C ASP A 293 -13.00 6.94 -0.12
N PHE A 294 -13.69 7.46 -1.14
CA PHE A 294 -13.96 8.90 -1.27
C PHE A 294 -14.90 9.54 -0.18
N THR A 295 -15.47 8.70 0.66
CA THR A 295 -16.33 9.08 1.79
C THR A 295 -15.63 9.89 2.91
N VAL A 296 -14.29 10.01 2.86
CA VAL A 296 -13.48 10.51 4.01
C VAL A 296 -13.27 12.04 4.41
N GLY A 297 -13.49 13.04 3.54
CA GLY A 297 -13.97 12.86 2.19
C GLY A 297 -14.56 14.06 1.47
N ALA A 298 -13.93 14.37 0.33
CA ALA A 298 -14.57 15.08 -0.80
C ALA A 298 -14.07 14.40 -2.16
N ARG A 299 -14.25 14.95 -3.40
CA ARG A 299 -14.96 16.19 -3.85
C ARG A 299 -14.42 17.54 -3.34
N MET B 1 18.82 -30.07 12.98
CA MET B 1 18.86 -29.07 11.81
C MET B 1 18.44 -27.50 11.77
N SER B 2 17.55 -26.89 12.62
CA SER B 2 16.85 -27.58 13.65
C SER B 2 15.54 -27.70 14.37
N ILE B 3 14.74 -26.84 15.02
CA ILE B 3 13.66 -26.07 14.41
CA ILE B 3 13.68 -25.98 14.46
C ILE B 3 13.86 -25.24 13.14
N ARG B 4 12.90 -25.46 12.22
CA ARG B 4 12.97 -24.90 10.88
C ARG B 4 11.84 -23.92 10.58
N SER B 5 10.67 -24.03 11.20
CA SER B 5 9.61 -22.98 10.94
C SER B 5 8.42 -23.07 11.91
N LEU B 6 7.55 -22.05 11.93
CA LEU B 6 6.26 -22.12 12.61
C LEU B 6 5.32 -23.02 11.80
N GLY B 7 4.86 -24.07 12.46
CA GLY B 7 4.04 -25.11 11.84
C GLY B 7 2.53 -24.89 12.00
N TYR B 8 2.10 -24.72 13.24
CA TYR B 8 0.70 -24.45 13.51
C TYR B 8 0.54 -23.65 14.77
N LEU B 9 -0.66 -23.16 14.97
CA LEU B 9 -1.06 -22.58 16.27
C LEU B 9 -2.36 -23.17 16.70
N ARG B 10 -2.42 -23.60 17.96
CA ARG B 10 -3.65 -24.09 18.53
C ARG B 10 -4.11 -23.07 19.54
N ILE B 11 -5.30 -22.53 19.32
CA ILE B 11 -5.90 -21.56 20.24
C ILE B 11 -7.20 -22.11 20.88
N GLU B 12 -7.57 -21.58 22.05
CA GLU B 12 -8.90 -21.87 22.65
C GLU B 12 -9.83 -20.68 22.49
N ALA B 13 -11.12 -20.93 22.22
CA ALA B 13 -12.10 -19.85 22.01
C ALA B 13 -13.50 -20.02 22.66
N THR B 14 -14.09 -18.88 23.00
CA THR B 14 -15.47 -18.74 23.50
C THR B 14 -16.51 -18.46 22.41
N ASP B 15 -16.08 -18.03 21.24
CA ASP B 15 -17.02 -17.81 20.14
C ASP B 15 -16.61 -18.49 18.82
N MET B 16 -16.92 -19.77 18.71
CA MET B 16 -16.53 -20.60 17.56
C MET B 16 -17.16 -20.15 16.29
N ALA B 17 -18.33 -19.49 16.41
CA ALA B 17 -19.08 -19.08 15.23
C ALA B 17 -18.44 -17.87 14.59
N ALA B 18 -17.99 -16.92 15.43
CA ALA B 18 -17.25 -15.72 15.02
C ALA B 18 -15.89 -16.07 14.40
N TRP B 19 -15.17 -17.01 14.99
CA TRP B 19 -13.96 -17.53 14.41
C TRP B 19 -14.09 -18.08 12.97
N ARG B 20 -15.07 -18.99 12.81
CA ARG B 20 -15.47 -19.55 11.56
C ARG B 20 -15.76 -18.43 10.55
N GLU B 21 -16.67 -17.49 10.83
CA GLU B 21 -16.94 -16.46 9.84
C GLU B 21 -15.77 -15.47 9.60
N TYR B 22 -14.96 -15.21 10.60
CA TYR B 22 -13.73 -14.33 10.45
C TYR B 22 -12.60 -15.08 9.62
N GLY B 23 -12.35 -16.33 9.95
CA GLY B 23 -11.41 -17.13 9.24
C GLY B 23 -11.72 -17.36 7.78
N LEU B 24 -13.01 -17.54 7.45
CA LEU B 24 -13.55 -17.76 6.09
C LEU B 24 -13.91 -16.51 5.27
N LYS B 25 -14.41 -15.46 5.90
CA LYS B 25 -14.85 -14.29 5.21
C LYS B 25 -13.88 -13.07 5.26
N VAL B 26 -13.00 -13.02 6.23
CA VAL B 26 -12.07 -11.92 6.34
C VAL B 26 -10.66 -12.42 5.89
N LEU B 27 -10.14 -13.43 6.55
CA LEU B 27 -8.85 -13.97 6.25
C LEU B 27 -8.83 -14.77 4.94
N GLY B 28 -9.96 -15.29 4.45
CA GLY B 28 -9.98 -16.04 3.21
C GLY B 28 -9.15 -17.29 3.30
N MET B 29 -9.11 -17.88 4.51
CA MET B 29 -8.59 -19.23 4.68
C MET B 29 -9.65 -20.29 4.34
N VAL B 30 -9.25 -21.54 4.30
CA VAL B 30 -10.15 -22.62 3.90
C VAL B 30 -10.31 -23.53 5.10
N GLU B 31 -11.53 -24.03 5.30
CA GLU B 31 -11.82 -24.93 6.43
C GLU B 31 -11.31 -26.36 6.15
N GLY B 32 -10.58 -26.97 7.08
CA GLY B 32 -10.15 -28.35 6.89
C GLY B 32 -11.17 -29.39 7.35
N LYS B 33 -11.03 -30.63 6.86
CA LYS B 33 -11.93 -31.77 7.19
C LYS B 33 -11.64 -32.34 8.55
N GLY B 34 -12.74 -32.69 9.24
CA GLY B 34 -12.88 -33.04 10.69
C GLY B 34 -11.68 -33.45 11.53
N ALA B 35 -11.19 -32.58 12.43
CA ALA B 35 -11.92 -31.49 13.11
C ALA B 35 -12.89 -32.15 14.11
N PRO B 36 -12.35 -32.57 15.28
CA PRO B 36 -13.12 -33.18 16.37
C PRO B 36 -14.38 -32.38 16.86
N GLU B 37 -14.22 -31.63 17.94
CA GLU B 37 -15.38 -31.29 18.81
C GLU B 37 -16.67 -30.56 18.32
N GLY B 38 -16.70 -29.65 17.32
CA GLY B 38 -15.57 -28.94 16.71
C GLY B 38 -15.37 -27.54 17.31
N ALA B 39 -14.12 -27.15 17.51
CA ALA B 39 -12.93 -27.45 16.66
C ALA B 39 -13.05 -26.98 15.18
N LEU B 40 -12.45 -25.82 14.96
CA LEU B 40 -12.31 -25.30 13.65
C LEU B 40 -10.80 -25.45 13.18
N TYR B 41 -10.60 -26.10 12.03
CA TYR B 41 -9.29 -26.20 11.33
C TYR B 41 -9.20 -25.18 10.22
N LEU B 42 -8.30 -24.22 10.32
CA LEU B 42 -8.15 -23.23 9.26
C LEU B 42 -6.88 -23.52 8.41
N ARG B 43 -7.05 -23.48 7.09
CA ARG B 43 -5.97 -23.91 6.21
C ARG B 43 -5.46 -22.77 5.31
N MET B 44 -4.15 -22.78 5.07
CA MET B 44 -3.49 -21.78 4.24
C MET B 44 -2.79 -22.30 2.94
N ASP B 45 -2.52 -23.60 2.98
CA ASP B 45 -1.68 -24.35 2.02
C ASP B 45 -1.87 -25.89 2.29
N ASP B 46 -0.85 -26.72 2.06
CA ASP B 46 -1.09 -28.17 2.12
C ASP B 46 -1.05 -28.81 3.53
N PHE B 47 -0.66 -28.02 4.54
CA PHE B 47 -0.87 -28.43 5.90
C PHE B 47 -2.32 -28.70 6.14
N PRO B 48 -2.65 -29.79 6.86
CA PRO B 48 -4.02 -30.13 7.26
C PRO B 48 -4.69 -29.01 8.03
N ALA B 49 -3.94 -28.29 8.90
CA ALA B 49 -4.41 -27.03 9.47
C ALA B 49 -3.18 -26.21 9.89
N ARG B 50 -3.28 -24.89 9.74
CA ARG B 50 -2.33 -23.99 10.37
C ARG B 50 -2.89 -23.35 11.67
N LEU B 51 -4.13 -22.91 11.62
CA LEU B 51 -4.79 -22.33 12.79
C LEU B 51 -5.95 -23.27 13.17
N VAL B 52 -5.81 -23.94 14.32
CA VAL B 52 -6.78 -24.85 14.94
C VAL B 52 -7.42 -24.13 16.14
N VAL B 53 -8.74 -23.88 16.06
CA VAL B 53 -9.53 -23.28 17.16
C VAL B 53 -10.37 -24.32 17.94
N VAL B 54 -10.13 -24.52 19.24
CA VAL B 54 -10.97 -25.45 20.00
C VAL B 54 -11.85 -24.67 21.01
N PRO B 55 -13.13 -25.14 21.19
CA PRO B 55 -14.04 -24.40 22.13
C PRO B 55 -13.66 -24.59 23.59
N GLY B 56 -13.84 -23.52 24.36
CA GLY B 56 -13.53 -23.53 25.79
C GLY B 56 -14.07 -22.29 26.43
N GLU B 57 -13.68 -22.02 27.67
CA GLU B 57 -14.25 -20.85 28.33
C GLU B 57 -13.35 -19.63 28.29
N HIS B 58 -12.12 -19.85 27.78
CA HIS B 58 -11.09 -18.79 27.57
C HIS B 58 -10.70 -18.59 26.10
N ASP B 59 -10.41 -17.32 25.77
CA ASP B 59 -9.77 -16.94 24.52
C ASP B 59 -8.26 -16.85 24.73
N ARG B 60 -7.57 -17.96 24.48
CA ARG B 60 -6.15 -18.00 24.72
C ARG B 60 -5.34 -18.92 23.81
N LEU B 61 -4.02 -18.71 23.80
CA LEU B 61 -3.08 -19.69 23.24
C LEU B 61 -3.00 -21.02 23.94
N LEU B 62 -3.26 -22.11 23.24
CA LEU B 62 -2.89 -23.42 23.78
C LEU B 62 -1.42 -23.82 23.46
N GLU B 63 -1.08 -24.01 22.18
CA GLU B 63 0.28 -24.38 21.80
C GLU B 63 0.71 -23.69 20.54
N ALA B 64 2.02 -23.53 20.42
CA ALA B 64 2.68 -23.23 19.17
C ALA B 64 3.45 -24.44 18.72
N GLY B 65 3.19 -24.93 17.49
CA GLY B 65 3.90 -26.15 17.01
C GLY B 65 4.99 -25.74 16.03
N TRP B 66 6.12 -26.39 16.11
CA TRP B 66 7.31 -26.00 15.42
C TRP B 66 7.85 -27.18 14.70
N GLU B 67 7.93 -27.03 13.37
CA GLU B 67 8.39 -28.10 12.46
C GLU B 67 9.89 -28.24 12.37
N CYS B 68 10.39 -29.46 12.45
CA CYS B 68 11.82 -29.81 12.19
C CYS B 68 11.89 -30.59 10.86
N ALA B 69 13.09 -30.74 10.28
CA ALA B 69 13.30 -31.28 8.97
C ALA B 69 12.97 -32.80 8.96
N ASN B 70 13.27 -33.45 10.08
CA ASN B 70 13.25 -34.89 10.22
C ASN B 70 13.50 -35.34 11.65
N ALA B 71 13.49 -36.67 11.85
CA ALA B 71 13.82 -37.33 13.11
C ALA B 71 15.09 -36.85 13.73
N GLU B 72 16.18 -36.70 12.95
CA GLU B 72 17.44 -36.23 13.49
C GLU B 72 17.34 -34.79 14.07
N GLY B 73 16.54 -33.95 13.40
CA GLY B 73 16.32 -32.55 13.68
C GLY B 73 15.54 -32.35 14.97
N LEU B 74 14.55 -33.21 15.23
CA LEU B 74 13.83 -33.33 16.54
C LEU B 74 14.76 -33.82 17.65
N GLN B 75 15.48 -34.90 17.40
CA GLN B 75 16.54 -35.32 18.32
C GLN B 75 17.52 -34.23 18.76
N GLU B 76 17.91 -33.36 17.82
CA GLU B 76 18.77 -32.23 18.17
C GLU B 76 18.11 -31.30 19.23
N ILE B 77 16.82 -31.05 19.12
CA ILE B 77 16.06 -30.28 20.06
C ILE B 77 15.96 -31.02 21.39
N ARG B 78 15.62 -32.32 21.39
CA ARG B 78 15.72 -33.15 22.56
C ARG B 78 17.04 -33.00 23.28
N ASN B 79 18.16 -33.00 22.54
CA ASN B 79 19.51 -33.06 23.18
C ASN B 79 19.83 -31.77 23.89
N ARG B 80 19.36 -30.66 23.28
CA ARG B 80 19.48 -29.27 23.80
C ARG B 80 18.68 -29.05 25.05
N LEU B 81 17.52 -29.69 25.11
CA LEU B 81 16.52 -29.53 26.17
C LEU B 81 16.94 -30.28 27.41
N ASP B 82 17.55 -31.44 27.18
CA ASP B 82 18.18 -32.24 28.22
C ASP B 82 19.40 -31.55 28.73
N LEU B 83 20.17 -30.90 27.85
CA LEU B 83 21.38 -30.21 28.29
C LEU B 83 21.04 -29.07 29.31
N GLU B 84 19.91 -28.41 29.12
CA GLU B 84 19.46 -27.36 29.99
C GLU B 84 18.64 -27.90 31.21
N GLY B 85 17.99 -29.05 31.07
CA GLY B 85 17.18 -29.52 32.17
C GLY B 85 15.72 -29.22 32.05
N THR B 86 15.31 -28.70 30.90
CA THR B 86 13.93 -28.46 30.61
C THR B 86 13.16 -29.78 30.56
N PRO B 87 12.13 -29.92 31.45
CA PRO B 87 11.32 -31.15 31.38
C PRO B 87 10.57 -31.11 30.07
N TYR B 88 10.39 -32.26 29.42
CA TYR B 88 9.54 -32.39 28.20
C TYR B 88 8.96 -33.79 28.12
N LYS B 89 7.83 -33.94 27.41
CA LYS B 89 7.15 -35.27 27.27
C LYS B 89 6.96 -35.65 25.79
N GLU B 90 7.06 -36.94 25.45
CA GLU B 90 6.67 -37.43 24.12
C GLU B 90 5.18 -37.34 23.95
N ALA B 91 4.73 -36.97 22.76
CA ALA B 91 3.30 -37.07 22.44
C ALA B 91 2.80 -38.51 22.67
N THR B 92 1.54 -38.60 23.07
CA THR B 92 0.91 -39.89 23.30
C THR B 92 0.43 -40.31 21.90
N ALA B 93 0.24 -41.63 21.69
CA ALA B 93 -0.44 -42.16 20.53
C ALA B 93 -1.62 -41.28 20.07
N ALA B 94 -2.54 -40.95 20.96
CA ALA B 94 -3.69 -40.06 20.61
C ALA B 94 -3.33 -38.61 20.13
N GLU B 95 -2.29 -38.01 20.73
CA GLU B 95 -1.73 -36.71 20.28
C GLU B 95 -1.08 -36.72 18.88
N LEU B 96 -0.25 -37.73 18.61
CA LEU B 96 0.33 -37.91 17.26
C LEU B 96 -0.71 -38.04 16.16
N ALA B 97 -1.75 -38.83 16.41
CA ALA B 97 -2.87 -38.96 15.46
C ALA B 97 -3.65 -37.66 15.29
N ASP B 98 -3.82 -36.92 16.39
CA ASP B 98 -4.58 -35.72 16.34
C ASP B 98 -3.84 -34.63 15.51
N ARG B 99 -2.56 -34.39 15.79
CA ARG B 99 -1.73 -33.38 15.07
C ARG B 99 -1.34 -33.93 13.72
N ARG B 100 -1.25 -35.27 13.62
CA ARG B 100 -0.96 -36.01 12.40
C ARG B 100 0.56 -35.83 12.09
N VAL B 101 1.40 -36.20 13.07
CA VAL B 101 2.82 -36.00 12.93
C VAL B 101 3.41 -37.32 13.37
N ASP B 102 4.66 -37.58 12.99
CA ASP B 102 5.35 -38.83 13.30
C ASP B 102 5.86 -38.87 14.73
N GLU B 103 6.59 -37.83 15.08
CA GLU B 103 7.10 -37.63 16.42
C GLU B 103 6.82 -36.19 16.89
N MET B 104 6.63 -35.98 18.20
CA MET B 104 6.46 -34.66 18.79
C MET B 104 6.84 -34.69 20.22
N ILE B 105 7.41 -33.59 20.72
CA ILE B 105 7.67 -33.39 22.18
C ILE B 105 6.91 -32.16 22.61
N ARG B 106 6.46 -32.21 23.86
CA ARG B 106 5.73 -31.15 24.58
C ARG B 106 6.48 -30.64 25.80
N PHE B 107 6.51 -29.32 25.95
CA PHE B 107 7.27 -28.59 26.93
C PHE B 107 6.79 -27.14 26.95
N ALA B 108 7.27 -26.34 27.92
CA ALA B 108 6.92 -24.88 28.03
C ALA B 108 8.20 -24.16 28.22
N ASP B 109 8.25 -22.90 27.80
CA ASP B 109 9.37 -22.05 28.15
C ASP B 109 9.25 -21.57 29.63
N PRO B 110 10.29 -20.87 30.18
CA PRO B 110 10.11 -20.33 31.53
C PRO B 110 8.96 -19.37 31.80
N SER B 111 8.19 -18.93 30.79
CA SER B 111 6.98 -18.10 31.00
C SER B 111 5.54 -18.65 31.25
N GLY B 112 5.22 -19.94 31.23
CA GLY B 112 5.58 -20.88 30.26
C GLY B 112 4.48 -20.97 29.19
N ASN B 113 4.79 -20.40 28.03
CA ASN B 113 4.13 -20.66 26.80
C ASN B 113 4.41 -22.14 26.41
N CYS B 114 3.38 -22.91 26.06
CA CYS B 114 3.57 -24.30 25.68
C CYS B 114 4.00 -24.48 24.25
N LEU B 115 5.01 -25.33 24.07
CA LEU B 115 5.57 -25.67 22.73
C LEU B 115 5.33 -27.10 22.34
N GLU B 116 4.93 -27.30 21.09
CA GLU B 116 5.06 -28.62 20.44
C GLU B 116 6.10 -28.59 19.32
N VAL B 117 7.10 -29.44 19.45
CA VAL B 117 8.14 -29.52 18.47
C VAL B 117 8.01 -30.91 17.76
N PHE B 118 7.82 -30.93 16.42
CA PHE B 118 7.46 -32.17 15.71
C PHE B 118 8.23 -32.40 14.35
N HIS B 119 8.08 -33.58 13.76
CA HIS B 119 8.53 -33.83 12.44
C HIS B 119 7.53 -34.84 11.86
N GLY B 120 7.46 -34.84 10.52
CA GLY B 120 6.87 -35.91 9.74
C GLY B 120 5.39 -35.66 9.57
N THR B 121 4.93 -34.39 9.53
CA THR B 121 3.52 -34.10 9.36
C THR B 121 2.98 -34.80 8.10
N ALA B 122 1.69 -35.18 8.11
CA ALA B 122 0.91 -35.38 6.90
C ALA B 122 0.61 -34.07 6.19
N LEU B 123 0.49 -34.15 4.86
CA LEU B 123 -0.05 -33.08 4.04
C LEU B 123 -1.37 -33.52 3.32
N GLU B 124 -2.22 -32.54 3.05
CA GLU B 124 -3.39 -32.74 2.17
C GLU B 124 -3.08 -32.11 0.83
N HIS B 125 -3.43 -32.78 -0.27
CA HIS B 125 -2.91 -32.37 -1.61
C HIS B 125 -3.86 -31.69 -2.62
N ARG B 126 -5.16 -31.72 -2.38
CA ARG B 126 -6.08 -30.95 -3.22
C ARG B 126 -5.76 -29.48 -3.15
N ARG B 127 -5.74 -28.77 -4.27
CA ARG B 127 -5.53 -27.31 -4.25
C ARG B 127 -6.40 -26.63 -3.17
N VAL B 128 -5.79 -25.80 -2.35
CA VAL B 128 -6.48 -24.93 -1.39
C VAL B 128 -6.62 -23.58 -2.07
N VAL B 129 -7.86 -23.22 -2.40
CA VAL B 129 -8.20 -22.03 -3.14
C VAL B 129 -9.01 -21.09 -2.25
N SER B 130 -8.39 -19.98 -1.83
CA SER B 130 -9.16 -18.85 -1.29
C SER B 130 -10.22 -18.30 -2.29
N PRO B 131 -11.47 -18.05 -1.84
CA PRO B 131 -12.48 -17.50 -2.74
C PRO B 131 -12.19 -16.06 -3.14
N TYR B 132 -11.19 -15.46 -2.51
CA TYR B 132 -10.74 -14.08 -2.77
C TYR B 132 -9.49 -14.02 -3.62
N GLY B 133 -8.93 -15.19 -3.95
CA GLY B 133 -7.96 -15.31 -4.98
C GLY B 133 -6.52 -15.04 -4.54
N HIS B 134 -6.27 -14.85 -3.24
CA HIS B 134 -4.93 -14.73 -2.75
C HIS B 134 -4.28 -16.08 -2.40
N ARG B 135 -2.95 -16.09 -2.49
CA ARG B 135 -2.14 -17.17 -2.04
C ARG B 135 -1.33 -16.73 -0.82
N PHE B 136 -1.27 -17.55 0.21
CA PHE B 136 -0.41 -17.33 1.36
C PHE B 136 1.05 -17.72 1.02
N VAL B 137 1.98 -17.07 1.71
CA VAL B 137 3.42 -17.26 1.61
C VAL B 137 3.83 -18.03 2.80
N THR B 138 4.07 -19.30 2.53
CA THR B 138 4.46 -20.23 3.53
C THR B 138 5.75 -21.01 3.16
N GLY B 139 5.66 -22.28 2.78
CA GLY B 139 6.82 -22.99 2.32
C GLY B 139 7.91 -23.01 3.36
N GLU B 140 9.13 -22.76 2.91
CA GLU B 140 10.29 -22.70 3.74
C GLU B 140 10.24 -21.62 4.83
N GLN B 141 9.38 -20.60 4.68
CA GLN B 141 9.14 -19.55 5.71
C GLN B 141 8.12 -19.98 6.79
N GLY B 142 7.46 -21.10 6.53
CA GLY B 142 6.41 -21.55 7.42
C GLY B 142 5.16 -20.72 7.52
N MET B 143 4.43 -21.04 8.56
CA MET B 143 3.12 -20.48 8.73
C MET B 143 3.07 -18.97 8.74
N GLY B 144 3.98 -18.32 9.48
CA GLY B 144 3.91 -16.84 9.63
C GLY B 144 4.84 -16.51 10.73
N HIS B 145 4.55 -15.48 11.53
CA HIS B 145 5.21 -15.37 12.84
C HIS B 145 4.27 -15.11 14.02
N VAL B 146 4.74 -15.42 15.24
CA VAL B 146 3.88 -15.11 16.37
C VAL B 146 4.62 -14.18 17.36
N VAL B 147 4.01 -13.08 17.75
CA VAL B 147 4.57 -12.28 18.87
C VAL B 147 3.80 -12.67 20.15
N LEU B 148 4.49 -13.28 21.14
CA LEU B 148 3.91 -13.71 22.42
C LEU B 148 4.36 -12.85 23.59
N SER B 149 3.72 -12.99 24.75
CA SER B 149 4.18 -12.31 25.99
C SER B 149 5.28 -13.11 26.66
N THR B 150 6.18 -12.41 27.29
CA THR B 150 7.08 -13.03 28.20
C THR B 150 6.97 -12.27 29.53
N ARG B 151 7.14 -13.02 30.62
CA ARG B 151 7.35 -12.43 31.95
C ARG B 151 8.74 -11.76 32.14
N ASP B 152 9.75 -12.17 31.36
CA ASP B 152 11.13 -11.70 31.52
C ASP B 152 11.87 -11.83 30.17
N ASP B 153 12.20 -10.70 29.54
CA ASP B 153 13.02 -10.64 28.29
C ASP B 153 14.40 -11.37 28.26
N ALA B 154 15.24 -11.21 29.26
CA ALA B 154 16.56 -11.85 29.35
C ALA B 154 16.49 -13.37 29.51
N GLU B 155 15.40 -13.78 30.09
CA GLU B 155 15.20 -15.18 30.35
C GLU B 155 14.65 -15.85 29.02
N ALA B 156 13.92 -15.09 28.23
CA ALA B 156 13.39 -15.56 26.96
C ALA B 156 14.55 -15.70 25.96
N LEU B 157 15.41 -14.68 25.93
CA LEU B 157 16.62 -14.68 25.10
C LEU B 157 17.48 -15.93 25.36
N HIS B 158 17.80 -16.17 26.61
CA HIS B 158 18.43 -17.38 27.00
C HIS B 158 17.75 -18.63 26.41
N PHE B 159 16.43 -18.75 26.61
CA PHE B 159 15.75 -20.01 26.33
C PHE B 159 15.71 -20.22 24.83
N TYR B 160 15.27 -19.20 24.11
CA TYR B 160 15.16 -19.27 22.67
C TYR B 160 16.44 -19.27 21.85
N ARG B 161 17.37 -18.38 22.17
CA ARG B 161 18.66 -18.38 21.52
C ARG B 161 19.63 -19.45 21.94
N ASP B 162 19.93 -19.55 23.26
CA ASP B 162 20.97 -20.45 23.79
C ASP B 162 20.46 -21.88 23.93
N VAL B 163 19.23 -22.07 24.37
CA VAL B 163 18.78 -23.45 24.56
C VAL B 163 18.25 -23.98 23.23
N LEU B 164 17.22 -23.33 22.65
CA LEU B 164 16.56 -23.84 21.44
C LEU B 164 17.28 -23.56 20.10
N GLY B 165 18.08 -22.49 19.98
CA GLY B 165 18.98 -22.24 18.82
C GLY B 165 18.42 -21.33 17.76
N PHE B 166 17.34 -20.65 18.09
CA PHE B 166 16.93 -19.56 17.26
C PHE B 166 18.07 -18.56 17.19
N ARG B 167 18.09 -17.77 16.13
CA ARG B 167 18.96 -16.61 15.92
C ARG B 167 18.26 -15.31 16.28
N LEU B 168 19.00 -14.43 16.95
CA LEU B 168 18.52 -13.09 17.29
C LEU B 168 18.66 -12.28 16.04
N ARG B 169 17.52 -11.78 15.58
CA ARG B 169 17.45 -11.10 14.34
C ARG B 169 17.31 -9.54 14.50
N ASP B 170 16.62 -9.11 15.56
CA ASP B 170 16.30 -7.72 15.83
C ASP B 170 15.85 -7.49 17.33
N SER B 171 16.03 -6.27 17.83
CA SER B 171 15.84 -5.89 19.21
C SER B 171 15.34 -4.45 19.24
N MET B 172 14.33 -4.19 20.05
CA MET B 172 13.78 -2.84 20.18
C MET B 172 13.44 -2.61 21.64
N ARG B 173 13.89 -1.47 22.15
CA ARG B 173 13.70 -1.14 23.58
C ARG B 173 12.33 -0.49 23.82
N LEU B 174 11.80 -0.82 25.01
CA LEU B 174 10.58 -0.24 25.63
C LEU B 174 10.93 0.67 26.81
N PRO B 175 10.42 1.90 26.79
CA PRO B 175 10.68 2.73 27.97
C PRO B 175 10.20 2.05 29.28
N PRO B 176 10.95 2.25 30.38
CA PRO B 176 10.72 1.47 31.63
C PRO B 176 9.28 1.57 32.17
N GLN B 177 8.61 2.69 31.92
CA GLN B 177 7.26 2.92 32.42
C GLN B 177 6.22 2.01 31.78
N MET B 178 6.38 1.78 30.46
CA MET B 178 5.48 0.91 29.75
C MET B 178 5.45 -0.59 30.25
N VAL B 179 6.48 -1.00 30.96
CA VAL B 179 6.51 -2.31 31.65
C VAL B 179 6.40 -2.24 33.21
N GLY B 180 5.91 -1.11 33.70
CA GLY B 180 5.72 -0.89 35.14
C GLY B 180 6.95 -0.61 35.99
N ARG B 181 8.05 -0.21 35.39
CA ARG B 181 9.21 0.14 36.16
C ARG B 181 9.16 1.67 36.39
N PRO B 182 9.99 2.19 37.33
CA PRO B 182 10.06 3.65 37.47
C PRO B 182 10.67 4.29 36.22
N ALA B 183 10.27 5.53 35.89
CA ALA B 183 10.80 6.22 34.71
C ALA B 183 12.35 6.26 34.65
N ASP B 184 12.94 5.91 35.79
CA ASP B 184 14.37 5.76 36.08
C ASP B 184 14.99 4.46 35.62
N GLY B 185 14.08 3.51 35.30
CA GLY B 185 14.35 2.14 34.79
C GLY B 185 15.53 2.04 33.88
N PRO B 186 16.18 0.88 33.83
CA PRO B 186 16.32 -0.10 32.78
C PRO B 186 15.17 -0.11 31.75
N PRO B 187 15.45 0.24 30.47
CA PRO B 187 14.40 -0.16 29.50
C PRO B 187 14.33 -1.69 29.39
N ALA B 188 13.22 -2.17 28.89
CA ALA B 188 13.07 -3.61 28.69
C ALA B 188 13.12 -3.83 27.16
N TRP B 189 13.11 -5.07 26.69
CA TRP B 189 13.50 -5.36 25.29
C TRP B 189 12.54 -6.30 24.67
N LEU B 190 11.99 -5.84 23.54
CA LEU B 190 11.25 -6.66 22.59
C LEU B 190 12.28 -7.24 21.56
N ARG B 191 12.48 -8.55 21.56
CA ARG B 191 13.48 -9.26 20.77
C ARG B 191 12.84 -10.21 19.73
N PHE B 192 13.30 -10.13 18.48
CA PHE B 192 12.76 -10.90 17.34
C PHE B 192 13.71 -12.05 17.01
N PHE B 193 13.13 -13.21 16.67
CA PHE B 193 13.81 -14.52 16.58
C PHE B 193 13.58 -15.18 15.20
N GLY B 194 14.68 -15.66 14.60
CA GLY B 194 14.61 -16.38 13.33
C GLY B 194 15.05 -17.85 13.33
N CYS B 195 14.39 -18.65 12.50
CA CYS B 195 14.69 -20.06 12.39
C CYS B 195 14.87 -20.53 10.93
N ASN B 196 14.61 -19.62 10.00
CA ASN B 196 14.61 -19.82 8.55
C ASN B 196 14.72 -18.41 7.99
N PRO B 197 14.74 -18.23 6.64
CA PRO B 197 14.93 -16.88 6.05
C PRO B 197 13.91 -15.82 6.41
N ARG B 198 12.72 -16.24 6.89
CA ARG B 198 11.67 -15.26 7.26
C ARG B 198 12.28 -14.40 8.35
N HIS B 199 12.34 -13.08 8.18
CA HIS B 199 13.01 -12.22 9.13
C HIS B 199 12.85 -12.67 10.58
N HIS B 200 11.62 -12.79 11.09
CA HIS B 200 11.30 -13.50 12.29
C HIS B 200 10.09 -14.42 12.18
N SER B 201 10.17 -15.53 12.88
CA SER B 201 9.00 -16.43 13.08
C SER B 201 8.44 -16.30 14.52
N LEU B 202 9.19 -15.60 15.35
CA LEU B 202 8.81 -15.46 16.73
C LEU B 202 9.39 -14.16 17.36
N ALA B 203 8.65 -13.55 18.30
CA ALA B 203 9.09 -12.38 19.11
C ALA B 203 8.43 -12.43 20.48
N PHE B 204 9.09 -11.84 21.50
CA PHE B 204 8.64 -11.76 22.93
C PHE B 204 8.57 -10.33 23.42
N LEU B 205 7.34 -9.90 23.64
CA LEU B 205 7.04 -8.61 24.21
C LEU B 205 6.94 -8.86 25.73
N PRO B 206 7.69 -8.09 26.52
CA PRO B 206 7.61 -8.35 27.95
C PRO B 206 6.45 -7.51 28.64
N MET B 207 5.24 -7.60 28.11
CA MET B 207 4.03 -7.05 28.71
C MET B 207 2.95 -8.11 28.59
N PRO B 208 2.00 -8.16 29.56
CA PRO B 208 0.98 -9.22 29.57
C PRO B 208 -0.12 -9.00 28.54
N THR B 209 -0.76 -10.11 28.16
CA THR B 209 -1.96 -10.08 27.28
C THR B 209 -2.90 -11.13 27.89
N SER B 210 -4.20 -11.07 27.62
CA SER B 210 -5.08 -12.15 28.18
C SER B 210 -5.05 -13.47 27.50
N SER B 211 -4.81 -13.41 26.17
CA SER B 211 -4.69 -14.61 25.34
C SER B 211 -3.31 -15.25 25.39
N GLY B 212 -2.31 -14.47 25.82
CA GLY B 212 -0.89 -14.83 25.66
C GLY B 212 -0.27 -14.40 24.31
N ILE B 213 -1.14 -14.00 23.37
CA ILE B 213 -0.72 -13.57 22.04
C ILE B 213 -0.76 -12.07 21.90
N VAL B 214 0.33 -11.47 21.39
CA VAL B 214 0.33 -10.06 20.99
C VAL B 214 -0.20 -9.95 19.54
N HIS B 215 0.47 -10.55 18.56
CA HIS B 215 -0.16 -10.73 17.24
C HIS B 215 0.25 -12.04 16.59
N LEU B 216 -0.60 -12.56 15.68
CA LEU B 216 -0.17 -13.58 14.72
C LEU B 216 -0.04 -12.86 13.37
N MET B 217 1.09 -13.01 12.64
CA MET B 217 1.15 -12.50 11.23
C MET B 217 0.89 -13.62 10.16
N VAL B 218 0.04 -13.42 9.19
CA VAL B 218 0.10 -14.30 8.00
C VAL B 218 0.37 -13.44 6.80
N GLU B 219 1.13 -13.97 5.80
CA GLU B 219 1.63 -13.19 4.63
C GLU B 219 0.94 -13.68 3.32
N VAL B 220 0.54 -12.76 2.48
CA VAL B 220 0.06 -13.15 1.18
C VAL B 220 1.10 -12.58 0.18
N GLU B 221 0.95 -12.87 -1.11
CA GLU B 221 1.96 -12.59 -2.18
C GLU B 221 2.12 -11.15 -2.57
N GLN B 222 1.00 -10.45 -2.68
CA GLN B 222 0.87 -9.10 -3.32
C GLN B 222 0.17 -8.09 -2.39
N ALA B 223 0.47 -6.80 -2.60
CA ALA B 223 -0.14 -5.66 -1.91
C ALA B 223 -1.63 -5.74 -2.09
N ASP B 224 -2.07 -6.10 -3.30
CA ASP B 224 -3.52 -6.16 -3.60
C ASP B 224 -4.27 -7.06 -2.68
N ASP B 225 -3.67 -8.21 -2.33
CA ASP B 225 -4.25 -9.19 -1.38
C ASP B 225 -4.47 -8.63 0.00
N VAL B 226 -3.48 -7.83 0.45
CA VAL B 226 -3.54 -7.09 1.74
C VAL B 226 -4.69 -6.08 1.67
N GLY B 227 -4.71 -5.29 0.59
CA GLY B 227 -5.67 -4.25 0.39
C GLY B 227 -7.15 -4.69 0.32
N LEU B 228 -7.34 -5.84 -0.31
CA LEU B 228 -8.62 -6.46 -0.49
C LEU B 228 -9.12 -7.01 0.87
N CYS B 229 -8.20 -7.49 1.71
CA CYS B 229 -8.49 -7.98 3.04
C CYS B 229 -8.90 -6.84 3.98
N LEU B 230 -8.17 -5.73 3.88
CA LEU B 230 -8.52 -4.52 4.56
C LEU B 230 -9.98 -4.21 4.26
N ASP B 231 -10.38 -4.17 2.99
CA ASP B 231 -11.77 -3.83 2.63
C ASP B 231 -12.79 -4.80 3.13
N ARG B 232 -12.47 -6.10 3.15
CA ARG B 232 -13.34 -7.11 3.74
C ARG B 232 -13.52 -7.00 5.26
N ALA B 233 -12.42 -6.72 5.96
CA ALA B 233 -12.43 -6.38 7.37
C ALA B 233 -13.30 -5.15 7.71
N LEU B 234 -13.07 -4.02 7.03
CA LEU B 234 -13.86 -2.78 7.18
C LEU B 234 -15.37 -3.00 6.95
N ARG B 235 -15.72 -3.59 5.80
CA ARG B 235 -17.09 -3.98 5.51
C ARG B 235 -17.76 -4.78 6.65
N ARG B 236 -17.05 -5.71 7.26
CA ARG B 236 -17.56 -6.50 8.38
C ARG B 236 -17.34 -5.89 9.77
N LYS B 237 -16.94 -4.63 9.81
CA LYS B 237 -16.74 -3.90 11.05
C LYS B 237 -15.86 -4.68 12.04
N VAL B 238 -14.73 -5.20 11.53
CA VAL B 238 -13.67 -5.78 12.33
C VAL B 238 -12.97 -4.56 12.96
N PRO B 239 -12.70 -4.55 14.30
CA PRO B 239 -11.92 -3.39 14.81
C PRO B 239 -10.43 -3.41 14.37
N MET B 240 -9.89 -2.23 14.04
CA MET B 240 -8.53 -2.02 13.55
C MET B 240 -7.61 -1.76 14.73
N SER B 241 -6.38 -2.32 14.71
CA SER B 241 -5.34 -1.99 15.69
C SER B 241 -4.29 -1.02 15.15
N ALA B 242 -3.89 -1.20 13.86
CA ALA B 242 -2.99 -0.33 13.11
C ALA B 242 -3.39 -0.29 11.63
N THR B 243 -3.32 0.90 11.16
CA THR B 243 -3.44 1.35 9.85
C THR B 243 -2.38 0.67 8.87
N LEU B 244 -2.67 0.63 7.58
CA LEU B 244 -1.62 0.08 6.66
C LEU B 244 -0.27 0.81 6.83
N GLY B 245 0.86 0.13 6.92
CA GLY B 245 2.18 0.81 6.95
C GLY B 245 3.25 -0.19 6.52
N ARG B 246 4.53 0.21 6.55
CA ARG B 246 5.68 -0.71 6.35
C ARG B 246 6.64 -0.78 7.52
N HIS B 247 6.89 -1.99 8.01
CA HIS B 247 7.89 -2.21 9.03
C HIS B 247 9.32 -1.91 8.60
N VAL B 248 10.01 -1.30 9.55
CA VAL B 248 11.42 -1.11 9.51
C VAL B 248 12.16 -2.45 9.49
N ASN B 249 11.80 -3.32 10.42
CA ASN B 249 12.44 -4.61 10.71
CA ASN B 249 12.64 -4.49 10.59
C ASN B 249 12.51 -5.57 9.51
N ASP B 250 11.29 -6.05 9.19
CA ASP B 250 11.07 -7.19 8.29
C ASP B 250 10.52 -6.72 6.96
N LEU B 251 10.32 -5.40 6.85
CA LEU B 251 9.93 -4.71 5.65
C LEU B 251 8.50 -5.11 5.18
N MET B 252 7.74 -5.72 6.09
CA MET B 252 6.39 -6.16 5.81
C MET B 252 5.48 -4.96 5.69
N LEU B 253 4.78 -4.96 4.57
CA LEU B 253 3.66 -4.11 4.28
C LEU B 253 2.38 -4.81 4.77
N SER B 254 1.67 -4.16 5.71
CA SER B 254 0.63 -4.83 6.57
C SER B 254 -0.30 -3.88 7.31
N PHE B 255 -1.45 -4.40 7.80
CA PHE B 255 -2.35 -3.66 8.70
C PHE B 255 -2.57 -4.68 9.84
N TYR B 256 -2.95 -4.23 11.05
CA TYR B 256 -3.37 -5.10 12.16
C TYR B 256 -4.82 -4.86 12.50
N MET B 257 -5.52 -5.92 12.92
CA MET B 257 -6.95 -5.90 13.10
C MET B 257 -7.17 -6.86 14.18
N LYS B 258 -8.18 -6.60 15.00
CA LYS B 258 -8.55 -7.51 16.13
C LYS B 258 -9.30 -8.74 15.60
N THR B 259 -8.91 -9.89 16.10
CA THR B 259 -9.55 -11.15 15.87
C THR B 259 -10.63 -11.39 16.98
N PRO B 260 -11.49 -12.43 16.76
CA PRO B 260 -12.49 -12.82 17.79
C PRO B 260 -11.89 -13.36 19.08
N GLY B 261 -10.60 -13.57 19.16
CA GLY B 261 -9.98 -14.08 20.39
C GLY B 261 -9.34 -12.94 21.18
N GLY B 262 -9.51 -11.73 20.66
CA GLY B 262 -9.09 -10.49 21.31
C GLY B 262 -7.75 -9.96 20.87
N PHE B 263 -6.88 -10.82 20.33
CA PHE B 263 -5.52 -10.48 19.89
C PHE B 263 -5.56 -10.04 18.40
N ASP B 264 -4.46 -9.48 17.90
CA ASP B 264 -4.46 -8.93 16.59
C ASP B 264 -3.96 -10.00 15.63
N ILE B 265 -4.35 -9.85 14.39
CA ILE B 265 -3.66 -10.53 13.29
C ILE B 265 -3.01 -9.44 12.49
N GLU B 266 -1.73 -9.59 12.17
CA GLU B 266 -1.09 -8.76 11.12
C GLU B 266 -1.19 -9.53 9.73
N PHE B 267 -1.78 -8.92 8.72
CA PHE B 267 -2.04 -9.58 7.43
C PHE B 267 -1.15 -8.78 6.49
N GLY B 268 -0.07 -9.38 6.00
CA GLY B 268 0.90 -8.59 5.28
C GLY B 268 1.47 -9.25 4.06
N CYS B 269 2.33 -8.49 3.36
CA CYS B 269 3.10 -8.97 2.16
C CYS B 269 4.54 -8.42 2.15
N GLU B 270 5.39 -8.93 1.25
CA GLU B 270 6.71 -8.36 0.91
C GLU B 270 7.69 -8.43 2.05
N GLY B 271 7.66 -9.55 2.78
CA GLY B 271 8.50 -9.71 3.93
C GLY B 271 9.91 -10.06 3.55
N ARG B 272 10.84 -9.53 4.35
CA ARG B 272 12.28 -9.54 4.00
C ARG B 272 12.88 -10.85 4.33
N GLN B 273 13.79 -11.31 3.47
CA GLN B 273 14.52 -12.54 3.73
C GLN B 273 15.95 -12.32 4.12
N VAL B 274 16.34 -13.15 5.04
CA VAL B 274 17.55 -13.02 5.81
C VAL B 274 18.46 -14.25 5.54
N ASP B 275 19.71 -13.99 5.16
CA ASP B 275 20.78 -14.96 5.23
C ASP B 275 21.62 -14.84 6.54
N ASP B 276 21.64 -15.90 7.36
CA ASP B 276 22.35 -15.92 8.64
C ASP B 276 23.82 -15.71 8.44
N ARG B 277 24.36 -16.05 7.26
CA ARG B 277 25.82 -15.78 7.04
C ARG B 277 26.17 -14.28 6.97
N ASP B 278 25.25 -13.44 6.43
CA ASP B 278 25.36 -11.93 6.25
C ASP B 278 24.81 -11.16 7.47
N TRP B 279 23.69 -11.64 8.03
CA TRP B 279 22.90 -10.84 8.99
C TRP B 279 23.59 -10.30 10.22
N ILE B 280 23.54 -8.98 10.38
CA ILE B 280 23.96 -8.27 11.61
C ILE B 280 22.72 -7.99 12.52
N ALA B 281 22.67 -8.60 13.72
CA ALA B 281 21.61 -8.35 14.75
C ALA B 281 21.86 -7.00 15.43
N ARG B 282 20.93 -6.05 15.26
CA ARG B 282 21.10 -4.70 15.68
C ARG B 282 19.80 -4.29 16.39
N GLU B 283 19.71 -3.04 16.85
CA GLU B 283 18.52 -2.56 17.57
C GLU B 283 17.78 -1.63 16.61
N SER B 284 16.49 -1.86 16.32
CA SER B 284 15.67 -0.84 15.66
C SER B 284 15.01 0.13 16.64
N THR B 285 14.74 1.34 16.13
CA THR B 285 14.37 2.53 16.95
C THR B 285 12.98 3.08 16.55
N ALA B 286 12.34 2.38 15.60
CA ALA B 286 10.99 2.69 15.15
C ALA B 286 10.37 1.38 14.70
N VAL B 287 9.05 1.37 14.69
CA VAL B 287 8.26 0.24 14.37
C VAL B 287 8.06 0.22 12.83
N SER B 288 7.75 1.38 12.25
CA SER B 288 7.40 1.48 10.86
C SER B 288 8.19 2.54 10.17
N LEU B 289 8.29 2.40 8.86
CA LEU B 289 8.86 3.44 8.00
C LEU B 289 7.76 4.52 7.81
N TRP B 290 6.53 4.03 7.67
CA TRP B 290 5.37 4.87 7.46
C TRP B 290 4.16 4.07 7.87
N GLY B 291 3.03 4.73 8.12
CA GLY B 291 1.81 4.06 8.54
C GLY B 291 1.89 3.26 9.84
N HIS B 292 1.07 2.23 9.95
CA HIS B 292 0.98 1.43 11.16
C HIS B 292 0.70 2.38 12.34
N ASP B 293 -0.35 3.17 12.22
CA ASP B 293 -0.80 4.04 13.30
C ASP B 293 -1.55 3.21 14.33
N PHE B 294 -0.83 2.87 15.40
CA PHE B 294 -1.35 2.05 16.46
C PHE B 294 -2.26 2.82 17.43
N THR B 295 -2.52 4.11 17.18
CA THR B 295 -3.45 4.83 18.02
C THR B 295 -4.90 4.53 17.63
N VAL B 296 -5.13 3.93 16.44
CA VAL B 296 -6.50 3.65 15.95
C VAL B 296 -7.37 2.69 16.82
N GLY B 297 -6.82 1.80 17.65
CA GLY B 297 -7.66 1.08 18.68
C GLY B 297 -8.78 1.91 19.41
N ALA B 298 -8.36 2.83 20.29
CA ALA B 298 -9.27 3.90 20.79
C ALA B 298 -9.26 5.13 19.83
FE FE2 C . -6.14 9.97 -11.45
OAD SDT D . -16.43 9.63 -6.89
CAP SDT D . -15.75 9.48 -7.91
CAI SDT D . -15.57 8.15 -8.63
CAL SDT D . -14.66 8.52 -9.84
CAV SDT D . -13.93 9.78 -9.37
CAW SDT D . -15.00 10.60 -8.62
CAB SDT D . -16.04 11.29 -9.54
CAN SDT D . -14.30 11.59 -7.66
CAJ SDT D . -13.25 12.46 -8.40
CAU SDT D . -13.11 10.62 -10.36
CAO SDT D . -12.51 11.78 -9.56
OAC SDT D . -11.42 12.24 -9.81
CAM SDT D . -12.11 9.81 -11.24
CAK SDT D . -11.14 8.93 -10.45
CAT SDT D . -10.29 7.95 -11.27
CAS SDT D . -8.92 8.27 -11.49
OAF SDT D . -8.40 9.47 -11.04
CAR SDT D . -8.07 7.36 -12.20
OAE SDT D . -6.78 7.67 -12.42
CAH SDT D . -8.50 6.16 -12.71
CAG SDT D . -9.85 5.84 -12.47
CAQ SDT D . -10.74 6.69 -11.76
CAA SDT D . -12.15 6.16 -11.64
FE FE2 E . 4.49 -8.86 12.88
OAD SDT F . 2.98 -0.35 19.90
CAP SDT F . 3.74 -1.32 19.77
CAI SDT F . 5.22 -1.23 19.35
CAL SDT F . 5.59 -2.67 18.98
CAV SDT F . 4.23 -3.35 18.86
CAW SDT F . 3.34 -2.76 19.99
CAB SDT F . 3.70 -3.14 21.44
CAN SDT F . 1.85 -3.06 19.74
CAJ SDT F . 1.62 -4.55 19.44
CAU SDT F . 4.13 -4.88 18.71
CAO SDT F . 2.65 -5.15 18.45
OAC SDT F . 2.23 -5.81 17.49
CAM SDT F . 5.08 -5.50 17.68
CAK SDT F . 5.03 -4.72 16.38
CAT SDT F . 6.29 -4.79 15.54
CAS SDT F . 6.36 -5.75 14.50
OAF SDT F . 5.30 -6.59 14.31
CAR SDT F . 7.51 -5.82 13.66
OAE SDT F . 7.67 -6.70 12.64
CAH SDT F . 8.55 -4.91 13.89
CAG SDT F . 8.48 -3.97 14.90
CAQ SDT F . 7.37 -3.90 15.72
CAA SDT F . 7.43 -2.85 16.79
#